data_5Q28
#
_entry.id   5Q28
#
_cell.length_a   51.850
_cell.length_b   57.087
_cell.length_c   115.020
_cell.angle_alpha   90.000
_cell.angle_beta   90.000
_cell.angle_gamma   90.000
#
_symmetry.space_group_name_H-M   'P 21 21 21'
#
loop_
_entity.id
_entity.type
_entity.pdbx_description
1 polymer 'DNA cross-link repair 1A protein'
2 non-polymer 'MALONATE ION'
3 non-polymer 'NICKEL (II) ION'
4 non-polymer ~{N}-(4-phenylazanylphenyl)ethanamide
5 water water
#
_entity_poly.entity_id   1
_entity_poly.type   'polypeptide(L)'
_entity_poly.pdbx_seq_one_letter_code
;KKTCPFYKKIPGTGFTVDAFQYGVVEGCTAYFLTHFHSDHYAGLSKHFTFPVYCSEITGNLLKNKLHVQEQYIHPLPLDT
ECIVNGVKVVLLDANHCPGAVMILFYLPNGTVILHTGDFRADPSMERSLLADQKVHMLYLDTTYCSPEYTFPSQQEVIRF
AINTAFEAVTLNPHALVVCGTYSIGKEKVFLAIADVLGSKVGMSQEKYKTLQCLNIPEINSLITTDMCSSLVHLLPMMQI
NFKGLQSHLKKCGGKYNQILAFRPTGWTHSNKFTRIADVIPQTKGNISIYGIPYSEHSSYLEMKRFVQWLKPQKIIPTVN
VGTWKSRSTMEKYFREWKLEAGY
;
_entity_poly.pdbx_strand_id   A
#
loop_
_chem_comp.id
_chem_comp.type
_chem_comp.name
_chem_comp.formula
B1A non-polymer ~{N}-(4-phenylazanylphenyl)ethanamide 'C14 H14 N2 O'
MLI non-polymer 'MALONATE ION' 'C3 H2 O4 -2'
NI non-polymer 'NICKEL (II) ION' 'Ni 2'
#
# COMPACT_ATOMS: atom_id res chain seq x y z
N THR A 3 0.55 -8.92 -23.87
CA THR A 3 -0.47 -9.95 -23.43
C THR A 3 -0.53 -10.13 -21.89
N CYS A 4 -1.67 -10.58 -21.40
CA CYS A 4 -1.87 -10.74 -19.95
C CYS A 4 -1.04 -11.89 -19.39
N PRO A 5 -0.20 -11.63 -18.36
CA PRO A 5 0.58 -12.72 -17.79
C PRO A 5 -0.26 -13.74 -17.02
N PHE A 6 0.25 -14.96 -16.94
CA PHE A 6 -0.49 -16.06 -16.30
C PHE A 6 -0.85 -15.75 -14.83
N TYR A 7 0.05 -15.07 -14.12
CA TYR A 7 -0.16 -14.75 -12.71
C TYR A 7 -1.25 -13.69 -12.42
N LYS A 8 -1.84 -13.09 -13.47
CA LYS A 8 -3.05 -12.24 -13.32
C LYS A 8 -4.37 -12.95 -13.72
N LYS A 9 -4.29 -14.26 -14.01
CA LYS A 9 -5.43 -15.04 -14.40
C LYS A 9 -5.79 -16.05 -13.31
N ILE A 10 -7.09 -16.19 -13.05
CA ILE A 10 -7.62 -17.12 -12.03
C ILE A 10 -8.22 -18.37 -12.72
N PRO A 11 -7.53 -19.53 -12.62
CA PRO A 11 -7.98 -20.70 -13.40
C PRO A 11 -9.37 -21.18 -13.01
N GLY A 12 -10.12 -21.70 -13.99
CA GLY A 12 -11.46 -22.22 -13.74
C GLY A 12 -12.52 -21.18 -13.53
N THR A 13 -12.21 -19.93 -13.86
CA THR A 13 -13.16 -18.82 -13.80
C THR A 13 -13.00 -17.93 -15.02
N GLY A 14 -13.93 -16.97 -15.16
CA GLY A 14 -13.79 -15.91 -16.12
C GLY A 14 -13.07 -14.69 -15.56
N PHE A 15 -12.25 -14.84 -14.51
CA PHE A 15 -11.74 -13.64 -13.76
C PHE A 15 -10.28 -13.27 -14.05
N THR A 16 -9.98 -11.97 -14.07
CA THR A 16 -8.59 -11.51 -13.95
C THR A 16 -8.47 -10.58 -12.75
N VAL A 17 -7.22 -10.38 -12.30
CA VAL A 17 -6.87 -9.49 -11.18
C VAL A 17 -5.83 -8.44 -11.61
N ASP A 18 -6.17 -7.16 -11.42
CA ASP A 18 -5.27 -6.03 -11.74
C ASP A 18 -4.71 -6.10 -13.20
N ALA A 19 -5.61 -6.39 -14.14
CA ALA A 19 -5.28 -6.64 -15.55
C ALA A 19 -6.06 -5.72 -16.49
N PHE A 20 -5.76 -4.44 -16.40
CA PHE A 20 -6.49 -3.42 -17.17
C PHE A 20 -5.69 -2.81 -18.33
N GLN A 21 -4.41 -3.18 -18.48
CA GLN A 21 -3.51 -2.58 -19.49
C GLN A 21 -3.28 -3.44 -20.75
N TYR A 22 -4.12 -4.45 -20.97
CA TYR A 22 -3.92 -5.44 -22.03
C TYR A 22 -5.09 -5.47 -23.03
N GLY A 23 -5.85 -4.38 -23.11
CA GLY A 23 -7.11 -4.37 -23.89
C GLY A 23 -8.13 -5.36 -23.35
N VAL A 24 -8.98 -5.88 -24.23
CA VAL A 24 -10.01 -6.85 -23.84
C VAL A 24 -9.32 -8.21 -23.71
N VAL A 25 -9.39 -8.80 -22.52
CA VAL A 25 -8.71 -10.08 -22.26
C VAL A 25 -9.62 -11.24 -22.64
N GLU A 26 -9.07 -12.18 -23.41
CA GLU A 26 -9.84 -13.30 -23.99
C GLU A 26 -10.51 -14.14 -22.92
N GLY A 27 -11.84 -14.09 -22.89
CA GLY A 27 -12.62 -14.91 -21.96
C GLY A 27 -12.81 -14.36 -20.55
N CYS A 28 -12.48 -13.08 -20.37
CA CYS A 28 -12.64 -12.44 -19.08
C CYS A 28 -14.03 -11.82 -18.96
N THR A 29 -14.83 -12.36 -18.05
CA THR A 29 -16.20 -11.89 -17.79
C THR A 29 -16.32 -10.84 -16.66
N ALA A 30 -15.31 -10.83 -15.77
CA ALA A 30 -15.24 -9.87 -14.66
C ALA A 30 -13.77 -9.52 -14.31
N TYR A 31 -13.50 -8.22 -14.16
CA TYR A 31 -12.16 -7.71 -13.86
C TYR A 31 -12.13 -7.24 -12.38
N PHE A 32 -11.26 -7.83 -11.58
CA PHE A 32 -11.09 -7.43 -10.17
C PHE A 32 -9.92 -6.43 -10.10
N LEU A 33 -10.06 -5.41 -9.22
CA LEU A 33 -9.03 -4.44 -8.87
C LEU A 33 -8.79 -4.45 -7.34
N THR A 34 -7.58 -4.87 -6.92
CA THR A 34 -7.25 -5.06 -5.50
C THR A 34 -7.08 -3.70 -4.76
N HIS A 35 -6.57 -2.67 -5.48
CA HIS A 35 -6.36 -1.36 -4.87
C HIS A 35 -6.05 -0.28 -5.88
N PHE A 36 -6.27 0.97 -5.50
CA PHE A 36 -6.01 2.15 -6.37
C PHE A 36 -4.54 2.65 -6.36
N HIS A 37 -3.63 1.85 -6.93
CA HIS A 37 -2.25 2.24 -7.26
C HIS A 37 -2.07 2.04 -8.78
N SER A 38 -1.37 2.97 -9.43
CA SER A 38 -1.34 3.08 -10.89
C SER A 38 -0.75 1.86 -11.64
N ASP A 39 0.24 1.18 -11.08
CA ASP A 39 0.73 -0.07 -11.68
C ASP A 39 -0.36 -1.15 -11.77
N HIS A 40 -1.37 -1.05 -10.88
CA HIS A 40 -2.47 -2.00 -10.83
C HIS A 40 -3.71 -1.55 -11.61
N TYR A 41 -4.08 -0.26 -11.55
CA TYR A 41 -5.25 0.26 -12.32
C TYR A 41 -4.95 0.69 -13.77
N ALA A 42 -3.67 0.69 -14.18
CA ALA A 42 -3.30 1.22 -15.51
C ALA A 42 -4.18 0.66 -16.64
N GLY A 43 -4.86 1.56 -17.35
CA GLY A 43 -5.81 1.19 -18.41
C GLY A 43 -7.27 1.60 -18.16
N LEU A 44 -7.70 1.73 -16.91
CA LEU A 44 -9.07 2.17 -16.58
C LEU A 44 -9.35 3.64 -16.91
N SER A 45 -10.57 3.92 -17.35
CA SER A 45 -11.02 5.29 -17.71
C SER A 45 -12.55 5.35 -17.84
N LYS A 46 -13.09 6.52 -18.23
CA LYS A 46 -14.54 6.66 -18.45
C LYS A 46 -15.10 5.77 -19.58
N HIS A 47 -14.22 5.25 -20.43
CA HIS A 47 -14.64 4.42 -21.58
C HIS A 47 -14.62 2.91 -21.31
N PHE A 48 -14.32 2.52 -20.06
CA PHE A 48 -14.35 1.11 -19.65
C PHE A 48 -15.79 0.64 -19.46
N THR A 49 -16.19 -0.42 -20.16
CA THR A 49 -17.58 -0.91 -20.13
C THR A 49 -17.73 -2.39 -19.72
N PHE A 50 -16.71 -2.95 -19.05
CA PHE A 50 -16.83 -4.28 -18.44
C PHE A 50 -17.04 -4.12 -16.94
N PRO A 51 -17.62 -5.14 -16.28
CA PRO A 51 -17.80 -5.04 -14.84
C PRO A 51 -16.45 -5.02 -14.09
N VAL A 52 -16.36 -4.11 -13.11
CA VAL A 52 -15.17 -4.04 -12.23
C VAL A 52 -15.61 -4.31 -10.81
N TYR A 53 -14.92 -5.24 -10.16
CA TYR A 53 -15.22 -5.63 -8.78
C TYR A 53 -14.09 -5.16 -7.86
N CYS A 54 -14.46 -4.55 -6.72
CA CYS A 54 -13.51 -3.85 -5.85
C CYS A 54 -14.15 -3.51 -4.52
N SER A 55 -13.37 -2.98 -3.58
CA SER A 55 -13.87 -2.42 -2.33
C SER A 55 -14.67 -1.13 -2.56
N GLU A 56 -15.41 -0.72 -1.54
CA GLU A 56 -16.17 0.53 -1.56
C GLU A 56 -15.24 1.74 -1.81
N ILE A 57 -14.10 1.77 -1.10
CA ILE A 57 -13.16 2.90 -1.20
C ILE A 57 -12.54 2.95 -2.60
N THR A 58 -12.10 1.80 -3.11
CA THR A 58 -11.57 1.74 -4.47
C THR A 58 -12.62 2.21 -5.50
N GLY A 59 -13.87 1.82 -5.29
CA GLY A 59 -14.99 2.28 -6.14
C GLY A 59 -15.17 3.80 -6.13
N ASN A 60 -15.08 4.42 -4.95
CA ASN A 60 -15.15 5.93 -4.82
C ASN A 60 -14.08 6.62 -5.66
N LEU A 61 -12.88 6.05 -5.62
CA LEU A 61 -11.75 6.57 -6.39
C LEU A 61 -11.91 6.36 -7.90
N LEU A 62 -12.39 5.19 -8.30
CA LEU A 62 -12.66 4.93 -9.73
C LEU A 62 -13.67 5.96 -10.31
N LYS A 63 -14.75 6.18 -9.57
CA LYS A 63 -15.82 7.12 -9.97
C LYS A 63 -15.30 8.56 -10.04
N ASN A 64 -14.64 9.02 -8.98
CA ASN A 64 -14.30 10.44 -8.84
C ASN A 64 -12.98 10.88 -9.44
N LYS A 65 -11.96 10.01 -9.41
CA LYS A 65 -10.65 10.35 -9.94
C LYS A 65 -10.47 9.94 -11.41
N LEU A 66 -10.94 8.74 -11.77
CA LEU A 66 -10.85 8.23 -13.16
C LEU A 66 -12.10 8.40 -14.04
N HIS A 67 -13.21 8.79 -13.42
N HIS A 67 -13.22 8.80 -13.44
CA HIS A 67 -14.51 8.98 -14.07
CA HIS A 67 -14.48 9.03 -14.15
C HIS A 67 -15.09 7.74 -14.75
C HIS A 67 -15.09 7.74 -14.76
N VAL A 68 -14.86 6.58 -14.13
CA VAL A 68 -15.48 5.34 -14.57
C VAL A 68 -16.97 5.46 -14.25
N GLN A 69 -17.82 5.05 -15.18
CA GLN A 69 -19.25 5.18 -15.02
C GLN A 69 -19.74 4.22 -13.95
N GLU A 70 -20.62 4.74 -13.10
CA GLU A 70 -21.14 4.04 -11.93
C GLU A 70 -21.79 2.68 -12.23
N GLN A 71 -22.52 2.58 -13.34
CA GLN A 71 -23.14 1.30 -13.75
C GLN A 71 -22.16 0.12 -13.96
N TYR A 72 -20.87 0.40 -14.16
CA TYR A 72 -19.84 -0.63 -14.30
C TYR A 72 -18.99 -0.90 -13.05
N ILE A 73 -19.25 -0.18 -11.95
CA ILE A 73 -18.49 -0.34 -10.70
C ILE A 73 -19.31 -1.21 -9.77
N HIS A 74 -18.72 -2.33 -9.34
CA HIS A 74 -19.38 -3.27 -8.44
C HIS A 74 -18.65 -3.37 -7.09
N PRO A 75 -18.89 -2.42 -6.17
CA PRO A 75 -18.24 -2.51 -4.85
C PRO A 75 -18.80 -3.66 -4.01
N LEU A 76 -17.94 -4.32 -3.24
CA LEU A 76 -18.34 -5.38 -2.32
C LEU A 76 -17.93 -5.04 -0.91
N PRO A 77 -18.76 -5.37 0.08
CA PRO A 77 -18.35 -5.22 1.48
C PRO A 77 -17.24 -6.21 1.83
N LEU A 78 -16.44 -5.87 2.83
CA LEU A 78 -15.40 -6.75 3.34
C LEU A 78 -15.97 -7.84 4.23
N ASP A 79 -15.22 -8.94 4.34
CA ASP A 79 -15.50 -10.01 5.30
C ASP A 79 -16.90 -10.61 5.11
N THR A 80 -17.39 -10.62 3.87
CA THR A 80 -18.76 -11.03 3.53
C THR A 80 -18.73 -11.97 2.32
N GLU A 81 -19.34 -13.15 2.42
CA GLU A 81 -19.46 -14.06 1.27
C GLU A 81 -20.40 -13.45 0.20
N CYS A 82 -19.89 -13.27 -1.01
CA CYS A 82 -20.64 -12.74 -2.15
C CYS A 82 -20.52 -13.68 -3.37
N ILE A 83 -21.49 -13.62 -4.28
CA ILE A 83 -21.48 -14.46 -5.50
C ILE A 83 -21.28 -13.57 -6.73
N VAL A 84 -20.26 -13.89 -7.52
CA VAL A 84 -19.95 -13.15 -8.74
C VAL A 84 -19.88 -14.16 -9.88
N ASN A 85 -20.71 -13.97 -10.91
CA ASN A 85 -20.81 -14.91 -12.04
C ASN A 85 -20.77 -16.36 -11.58
N GLY A 86 -21.60 -16.63 -10.56
CA GLY A 86 -21.74 -17.96 -10.00
C GLY A 86 -20.61 -18.53 -9.19
N VAL A 87 -19.64 -17.70 -8.78
CA VAL A 87 -18.50 -18.12 -7.95
C VAL A 87 -18.51 -17.33 -6.63
N LYS A 88 -18.37 -18.04 -5.49
CA LYS A 88 -18.30 -17.41 -4.17
C LYS A 88 -16.92 -16.71 -4.02
N VAL A 89 -16.95 -15.45 -3.57
CA VAL A 89 -15.73 -14.65 -3.30
C VAL A 89 -15.88 -13.91 -1.94
N VAL A 90 -14.74 -13.63 -1.32
CA VAL A 90 -14.64 -12.80 -0.12
C VAL A 90 -13.48 -11.80 -0.30
N LEU A 91 -13.74 -10.54 0.04
CA LEU A 91 -12.68 -9.51 0.09
C LEU A 91 -12.21 -9.34 1.55
N LEU A 92 -10.89 -9.36 1.76
CA LEU A 92 -10.29 -9.24 3.09
C LEU A 92 -9.36 -8.02 3.14
N ASP A 93 -9.25 -7.38 4.30
CA ASP A 93 -8.33 -6.25 4.42
C ASP A 93 -6.86 -6.67 4.18
N ALA A 94 -6.17 -5.97 3.28
CA ALA A 94 -4.78 -6.31 2.95
C ALA A 94 -3.70 -5.59 3.80
N ASN A 95 -4.11 -4.69 4.69
CA ASN A 95 -3.13 -3.88 5.46
C ASN A 95 -2.05 -3.24 4.55
N HIS A 96 -2.51 -2.65 3.43
CA HIS A 96 -1.65 -1.93 2.48
C HIS A 96 -2.09 -0.44 2.53
N CYS A 97 -2.68 0.12 1.48
CA CYS A 97 -3.20 1.49 1.45
C CYS A 97 -4.72 1.44 1.64
N PRO A 98 -5.36 2.61 1.89
CA PRO A 98 -6.83 2.60 2.05
C PRO A 98 -7.58 1.93 0.88
N GLY A 99 -8.53 1.05 1.23
CA GLY A 99 -9.32 0.31 0.27
C GLY A 99 -8.69 -0.92 -0.36
N ALA A 100 -7.43 -1.21 -0.01
CA ALA A 100 -6.71 -2.37 -0.53
C ALA A 100 -7.22 -3.67 0.09
N VAL A 101 -7.45 -4.67 -0.78
CA VAL A 101 -7.96 -5.96 -0.41
C VAL A 101 -7.15 -7.14 -0.92
N MET A 102 -7.27 -8.24 -0.19
CA MET A 102 -6.98 -9.59 -0.69
C MET A 102 -8.30 -10.21 -1.12
N ILE A 103 -8.23 -11.17 -2.06
CA ILE A 103 -9.43 -11.83 -2.58
C ILE A 103 -9.35 -13.34 -2.45
N LEU A 104 -10.35 -13.94 -1.80
CA LEU A 104 -10.53 -15.38 -1.68
C LEU A 104 -11.54 -15.85 -2.73
N PHE A 105 -11.14 -16.81 -3.57
CA PHE A 105 -12.04 -17.42 -4.59
C PHE A 105 -12.30 -18.90 -4.25
N TYR A 106 -13.57 -19.25 -4.21
CA TYR A 106 -14.00 -20.64 -3.96
C TYR A 106 -14.48 -21.23 -5.29
N LEU A 107 -13.61 -21.98 -5.96
CA LEU A 107 -13.92 -22.57 -7.28
C LEU A 107 -15.00 -23.66 -7.17
N PRO A 108 -15.86 -23.76 -8.20
CA PRO A 108 -16.91 -24.78 -8.23
C PRO A 108 -16.44 -26.21 -7.93
N ASN A 109 -15.23 -26.56 -8.37
CA ASN A 109 -14.65 -27.90 -8.13
C ASN A 109 -14.00 -28.12 -6.74
N GLY A 110 -14.00 -27.12 -5.85
CA GLY A 110 -13.53 -27.27 -4.47
C GLY A 110 -12.15 -26.65 -4.19
N THR A 111 -11.47 -26.19 -5.22
CA THR A 111 -10.21 -25.45 -5.07
C THR A 111 -10.49 -24.07 -4.46
N VAL A 112 -9.61 -23.67 -3.56
CA VAL A 112 -9.69 -22.37 -2.88
C VAL A 112 -8.37 -21.64 -3.19
N ILE A 113 -8.53 -20.41 -3.68
CA ILE A 113 -7.40 -19.56 -4.10
C ILE A 113 -7.44 -18.24 -3.33
N LEU A 114 -6.28 -17.86 -2.79
CA LEU A 114 -6.07 -16.51 -2.18
C LEU A 114 -5.13 -15.69 -3.04
N HIS A 115 -5.60 -14.52 -3.48
CA HIS A 115 -4.76 -13.51 -4.17
C HIS A 115 -4.54 -12.37 -3.17
N THR A 116 -3.28 -12.15 -2.77
CA THR A 116 -3.01 -11.15 -1.72
C THR A 116 -3.10 -9.70 -2.20
N GLY A 117 -3.17 -9.48 -3.51
CA GLY A 117 -2.92 -8.15 -4.06
C GLY A 117 -1.58 -7.66 -3.53
N ASP A 118 -1.44 -6.35 -3.24
CA ASP A 118 -0.32 -5.86 -2.39
C ASP A 118 -0.75 -5.92 -0.92
N PHE A 119 0.11 -6.44 -0.03
CA PHE A 119 -0.25 -6.58 1.40
C PHE A 119 0.95 -6.42 2.32
N ARG A 120 0.68 -6.06 3.57
CA ARG A 120 1.65 -6.20 4.65
C ARG A 120 1.12 -7.23 5.65
N ALA A 121 1.63 -8.45 5.53
CA ALA A 121 1.23 -9.56 6.38
C ALA A 121 1.23 -9.18 7.86
N ASP A 122 0.20 -9.65 8.56
CA ASP A 122 0.05 -9.40 10.01
C ASP A 122 -0.57 -10.60 10.71
N PRO A 123 -0.17 -10.86 11.98
CA PRO A 123 -0.83 -11.99 12.71
C PRO A 123 -2.35 -11.86 12.87
N SER A 124 -2.87 -10.62 12.85
CA SER A 124 -4.32 -10.40 12.85
C SER A 124 -5.06 -11.07 11.69
N MET A 125 -4.37 -11.30 10.57
CA MET A 125 -4.97 -12.04 9.44
C MET A 125 -5.23 -13.54 9.75
N GLU A 126 -4.54 -14.07 10.76
CA GLU A 126 -4.66 -15.49 11.15
C GLU A 126 -6.02 -15.75 11.84
N ARG A 127 -6.77 -14.68 12.14
CA ARG A 127 -8.14 -14.73 12.69
C ARG A 127 -9.21 -14.03 11.85
N SER A 128 -9.01 -13.94 10.56
CA SER A 128 -10.06 -13.58 9.61
C SER A 128 -10.80 -14.86 9.12
N LEU A 129 -11.69 -14.71 8.13
CA LEU A 129 -12.24 -15.86 7.38
C LEU A 129 -11.21 -16.81 6.73
N LEU A 130 -9.94 -16.38 6.56
CA LEU A 130 -8.87 -17.31 6.13
C LEU A 130 -8.71 -18.54 6.97
N ALA A 131 -9.00 -18.41 8.26
CA ALA A 131 -8.76 -19.49 9.19
C ALA A 131 -9.74 -20.65 9.03
N ASP A 132 -10.81 -20.47 8.23
CA ASP A 132 -11.96 -21.39 8.21
C ASP A 132 -11.93 -22.53 7.19
N GLN A 133 -10.96 -22.49 6.28
CA GLN A 133 -10.78 -23.55 5.29
C GLN A 133 -9.35 -23.54 4.74
N LYS A 134 -8.97 -24.69 4.21
CA LYS A 134 -7.75 -24.90 3.49
C LYS A 134 -7.68 -24.00 2.26
N VAL A 135 -6.49 -23.43 1.99
CA VAL A 135 -6.19 -22.68 0.76
C VAL A 135 -5.20 -23.47 -0.08
N HIS A 136 -5.55 -23.76 -1.33
CA HIS A 136 -4.68 -24.58 -2.21
C HIS A 136 -3.65 -23.79 -2.96
N MET A 137 -4.04 -22.63 -3.50
CA MET A 137 -3.12 -21.79 -4.28
C MET A 137 -3.08 -20.38 -3.72
N LEU A 138 -1.85 -19.86 -3.63
CA LEU A 138 -1.55 -18.50 -3.09
C LEU A 138 -0.85 -17.65 -4.16
N TYR A 139 -1.47 -16.55 -4.58
CA TYR A 139 -0.86 -15.57 -5.47
C TYR A 139 -0.29 -14.48 -4.55
N LEU A 140 1.04 -14.44 -4.40
CA LEU A 140 1.69 -13.75 -3.25
C LEU A 140 2.49 -12.50 -3.65
N ASP A 141 2.23 -11.39 -2.95
CA ASP A 141 3.03 -10.17 -3.03
C ASP A 141 4.41 -10.45 -2.45
N THR A 142 5.38 -10.63 -3.37
CA THR A 142 6.77 -11.00 -3.01
C THR A 142 7.75 -9.79 -3.16
N THR A 143 7.25 -8.55 -3.06
CA THR A 143 8.07 -7.32 -3.19
C THR A 143 9.41 -7.42 -2.43
N TYR A 144 9.35 -7.75 -1.14
CA TYR A 144 10.56 -7.81 -0.27
C TYR A 144 10.91 -9.23 0.16
N CYS A 145 10.79 -10.19 -0.78
CA CYS A 145 11.11 -11.60 -0.48
C CYS A 145 12.63 -11.91 -0.51
N SER A 146 13.35 -11.39 0.49
CA SER A 146 14.77 -11.64 0.67
C SER A 146 15.13 -11.20 2.10
N PRO A 147 15.94 -11.99 2.83
CA PRO A 147 16.19 -11.74 4.27
C PRO A 147 16.82 -10.40 4.63
N GLU A 148 17.46 -9.72 3.67
CA GLU A 148 17.98 -8.37 3.94
C GLU A 148 16.87 -7.37 4.25
N TYR A 149 15.64 -7.64 3.84
CA TYR A 149 14.53 -6.70 4.09
C TYR A 149 13.92 -6.88 5.44
N THR A 150 14.55 -6.19 6.40
CA THR A 150 14.00 -5.95 7.70
C THR A 150 13.56 -4.49 7.74
N PHE A 151 12.41 -4.24 8.34
CA PHE A 151 12.09 -2.87 8.76
C PHE A 151 11.30 -2.85 10.06
N PRO A 152 11.23 -1.67 10.71
CA PRO A 152 10.51 -1.62 11.97
C PRO A 152 8.99 -1.65 11.75
N SER A 153 8.27 -1.82 12.85
CA SER A 153 6.84 -1.63 12.83
C SER A 153 6.46 -0.21 12.37
N GLN A 154 5.27 -0.09 11.82
CA GLN A 154 4.70 1.19 11.48
C GLN A 154 4.57 2.08 12.72
N GLN A 155 4.21 1.47 13.86
CA GLN A 155 4.06 2.18 15.11
C GLN A 155 5.40 2.84 15.54
N GLU A 156 6.51 2.11 15.46
CA GLU A 156 7.84 2.68 15.86
C GLU A 156 8.23 3.84 14.94
N VAL A 157 7.99 3.68 13.64
CA VAL A 157 8.31 4.74 12.67
C VAL A 157 7.48 5.99 12.91
N ILE A 158 6.19 5.82 13.21
CA ILE A 158 5.34 6.99 13.52
C ILE A 158 5.77 7.68 14.83
N ARG A 159 6.10 6.92 15.87
CA ARG A 159 6.64 7.53 17.11
C ARG A 159 7.86 8.42 16.80
N PHE A 160 8.76 7.89 16.00
CA PHE A 160 9.94 8.65 15.61
C PHE A 160 9.57 9.97 14.90
N ALA A 161 8.66 9.91 13.94
CA ALA A 161 8.26 11.11 13.17
C ALA A 161 7.56 12.17 14.05
N ILE A 162 6.61 11.72 14.87
CA ILE A 162 5.89 12.61 15.83
C ILE A 162 6.89 13.31 16.77
N ASN A 163 7.78 12.52 17.37
CA ASN A 163 8.74 13.07 18.36
C ASN A 163 9.71 14.07 17.70
N THR A 164 10.19 13.75 16.49
CA THR A 164 11.09 14.61 15.69
C THR A 164 10.43 15.94 15.31
N ALA A 165 9.19 15.85 14.78
CA ALA A 165 8.44 17.05 14.41
C ALA A 165 8.08 17.92 15.64
N PHE A 166 7.62 17.29 16.71
CA PHE A 166 7.21 18.05 17.91
C PHE A 166 8.40 18.80 18.48
N GLU A 167 9.55 18.14 18.53
CA GLU A 167 10.78 18.77 19.08
C GLU A 167 11.22 19.97 18.24
N ALA A 168 11.25 19.77 16.93
CA ALA A 168 11.69 20.82 15.97
C ALA A 168 10.81 22.08 16.04
N VAL A 169 9.50 21.91 16.07
CA VAL A 169 8.56 23.05 16.04
C VAL A 169 8.44 23.74 17.43
N THR A 170 8.66 22.98 18.49
CA THR A 170 8.63 23.55 19.85
C THR A 170 9.88 24.40 20.05
N LEU A 171 11.02 23.97 19.48
CA LEU A 171 12.28 24.76 19.51
C LEU A 171 12.19 26.02 18.65
N ASN A 172 11.63 25.86 17.44
CA ASN A 172 11.42 26.94 16.50
C ASN A 172 9.97 26.97 15.98
N PRO A 173 9.08 27.79 16.60
CA PRO A 173 7.67 27.97 16.13
C PRO A 173 7.51 28.47 14.69
N HIS A 174 8.56 29.04 14.11
CA HIS A 174 8.58 29.43 12.69
C HIS A 174 9.12 28.37 11.71
N ALA A 175 9.27 27.11 12.17
CA ALA A 175 9.60 26.01 11.26
C ALA A 175 8.33 25.40 10.63
N LEU A 176 8.41 25.13 9.34
CA LEU A 176 7.34 24.40 8.60
C LEU A 176 7.71 22.94 8.47
N VAL A 177 6.72 22.05 8.67
CA VAL A 177 6.90 20.62 8.35
C VAL A 177 6.28 20.31 6.98
N VAL A 178 7.03 19.58 6.15
CA VAL A 178 6.57 19.15 4.82
C VAL A 178 6.66 17.63 4.71
N CYS A 179 5.61 17.01 4.15
N CYS A 179 5.60 17.01 4.18
CA CYS A 179 5.56 15.57 3.90
CA CYS A 179 5.57 15.57 3.92
C CYS A 179 5.34 15.31 2.42
C CYS A 179 5.40 15.37 2.42
N GLY A 180 6.15 14.42 1.86
CA GLY A 180 6.00 14.03 0.44
C GLY A 180 4.94 12.97 0.22
N THR A 181 4.27 13.03 -0.93
CA THR A 181 3.30 11.99 -1.34
C THR A 181 3.20 11.90 -2.88
N TYR A 182 2.97 10.70 -3.40
CA TYR A 182 2.68 10.52 -4.86
C TYR A 182 1.59 9.50 -5.23
N SER A 183 0.91 9.00 -4.21
CA SER A 183 -0.16 8.02 -4.34
C SER A 183 -0.88 7.96 -2.98
N ILE A 184 -2.03 7.31 -2.94
CA ILE A 184 -2.66 6.98 -1.69
C ILE A 184 -1.77 5.99 -0.93
N GLY A 185 -2.02 5.89 0.37
CA GLY A 185 -1.16 5.16 1.32
C GLY A 185 -0.32 6.06 2.23
N LYS A 186 0.03 5.55 3.41
CA LYS A 186 0.98 6.19 4.35
C LYS A 186 0.45 7.52 4.91
N GLU A 187 -0.88 7.63 4.89
CA GLU A 187 -1.58 8.82 5.38
C GLU A 187 -1.28 9.07 6.86
N LYS A 188 -1.03 8.00 7.62
CA LYS A 188 -0.73 8.14 9.06
C LYS A 188 0.48 9.05 9.34
N VAL A 189 1.44 9.07 8.42
CA VAL A 189 2.64 9.88 8.61
C VAL A 189 2.25 11.36 8.81
N PHE A 190 1.56 11.93 7.82
CA PHE A 190 1.20 13.34 7.88
C PHE A 190 0.06 13.64 8.86
N LEU A 191 -0.88 12.72 9.02
CA LEU A 191 -1.99 12.91 9.99
C LEU A 191 -1.52 12.88 11.45
N ALA A 192 -0.62 11.96 11.80
CA ALA A 192 -0.12 11.88 13.17
C ALA A 192 0.75 13.12 13.54
N ILE A 193 1.56 13.59 12.60
CA ILE A 193 2.34 14.82 12.81
C ILE A 193 1.42 16.02 13.03
N ALA A 194 0.43 16.18 12.15
CA ALA A 194 -0.50 17.32 12.30
C ALA A 194 -1.25 17.30 13.64
N ASP A 195 -1.67 16.12 14.05
CA ASP A 195 -2.36 15.91 15.33
C ASP A 195 -1.49 16.31 16.54
N VAL A 196 -0.19 15.99 16.54
CA VAL A 196 0.65 16.37 17.68
C VAL A 196 0.97 17.88 17.70
N LEU A 197 0.95 18.53 16.53
CA LEU A 197 1.21 19.97 16.41
C LEU A 197 -0.05 20.84 16.51
N GLY A 198 -1.22 20.23 16.69
CA GLY A 198 -2.47 20.99 16.73
C GLY A 198 -2.81 21.74 15.44
N SER A 199 -2.48 21.13 14.30
CA SER A 199 -2.68 21.72 12.99
C SER A 199 -3.47 20.81 12.04
N LYS A 200 -4.08 21.43 11.03
CA LYS A 200 -4.57 20.71 9.85
C LYS A 200 -3.44 20.52 8.86
N VAL A 201 -3.60 19.53 7.98
CA VAL A 201 -2.67 19.31 6.88
C VAL A 201 -3.16 20.03 5.63
N GLY A 202 -2.33 20.91 5.12
CA GLY A 202 -2.60 21.68 3.92
C GLY A 202 -2.10 21.01 2.66
N MET A 203 -2.87 21.09 1.58
CA MET A 203 -2.54 20.37 0.34
C MET A 203 -3.30 20.95 -0.85
N SER A 204 -2.92 20.52 -2.05
CA SER A 204 -3.62 20.89 -3.29
C SER A 204 -5.09 20.44 -3.30
N GLN A 205 -5.89 21.12 -4.11
CA GLN A 205 -7.28 20.71 -4.35
C GLN A 205 -7.40 19.25 -4.81
N GLU A 206 -6.52 18.84 -5.72
CA GLU A 206 -6.50 17.48 -6.27
C GLU A 206 -6.25 16.42 -5.20
N LYS A 207 -5.25 16.65 -4.33
CA LYS A 207 -4.96 15.73 -3.21
C LYS A 207 -6.10 15.71 -2.17
N TYR A 208 -6.64 16.89 -1.84
CA TYR A 208 -7.78 16.97 -0.93
C TYR A 208 -8.98 16.11 -1.43
N LYS A 209 -9.28 16.21 -2.74
CA LYS A 209 -10.33 15.39 -3.40
C LYS A 209 -10.07 13.88 -3.21
N THR A 210 -8.84 13.47 -3.49
CA THR A 210 -8.42 12.07 -3.30
C THR A 210 -8.67 11.62 -1.87
N LEU A 211 -8.25 12.40 -0.90
CA LEU A 211 -8.45 12.01 0.50
C LEU A 211 -9.94 12.00 0.90
N GLN A 212 -10.75 12.88 0.32
CA GLN A 212 -12.19 12.85 0.60
C GLN A 212 -12.90 11.58 0.10
N CYS A 213 -12.32 10.87 -0.87
CA CYS A 213 -12.84 9.56 -1.31
C CYS A 213 -12.61 8.38 -0.36
N LEU A 214 -11.83 8.56 0.72
CA LEU A 214 -11.35 7.42 1.54
C LEU A 214 -12.11 6.94 2.79
N ASN A 215 -13.29 7.47 3.12
CA ASN A 215 -13.97 7.10 4.40
C ASN A 215 -13.08 7.18 5.69
N ILE A 216 -12.17 8.14 5.77
CA ILE A 216 -11.37 8.28 6.98
C ILE A 216 -12.27 9.01 7.97
N PRO A 217 -12.39 8.49 9.22
CA PRO A 217 -13.22 9.19 10.19
C PRO A 217 -12.68 10.58 10.54
N GLU A 218 -13.58 11.55 10.54
CA GLU A 218 -13.30 12.93 10.95
C GLU A 218 -12.29 13.65 10.04
N ILE A 219 -12.29 13.30 8.76
CA ILE A 219 -11.28 13.85 7.82
C ILE A 219 -11.48 15.35 7.59
N ASN A 220 -12.72 15.83 7.50
CA ASN A 220 -12.93 17.29 7.43
C ASN A 220 -12.24 18.04 8.59
N SER A 221 -12.12 17.37 9.74
CA SER A 221 -11.37 17.88 10.87
C SER A 221 -9.84 17.89 10.74
N LEU A 222 -9.23 17.15 9.81
CA LEU A 222 -7.74 17.00 9.74
C LEU A 222 -7.02 17.57 8.51
N ILE A 223 -7.74 17.77 7.41
CA ILE A 223 -7.14 18.20 6.13
C ILE A 223 -7.77 19.50 5.63
N THR A 224 -7.05 20.25 4.77
CA THR A 224 -7.54 21.55 4.28
C THR A 224 -6.82 21.93 3.00
N THR A 225 -7.44 22.79 2.17
CA THR A 225 -6.77 23.41 1.03
C THR A 225 -6.22 24.80 1.37
N ASP A 226 -6.43 25.26 2.61
CA ASP A 226 -5.95 26.59 3.05
C ASP A 226 -4.53 26.42 3.60
N MET A 227 -3.55 26.60 2.69
CA MET A 227 -2.12 26.42 3.02
C MET A 227 -1.70 27.41 4.12
N CYS A 228 -2.24 28.63 4.05
CA CYS A 228 -1.93 29.68 5.04
C CYS A 228 -2.29 29.35 6.47
N SER A 229 -3.33 28.56 6.69
CA SER A 229 -3.75 28.22 8.06
C SER A 229 -2.99 27.02 8.66
N SER A 230 -2.16 26.36 7.85
CA SER A 230 -1.59 25.05 8.19
C SER A 230 -0.05 25.12 8.38
N LEU A 231 0.49 24.43 9.38
CA LEU A 231 1.97 24.29 9.51
C LEU A 231 2.51 22.89 9.20
N VAL A 232 1.67 22.06 8.58
CA VAL A 232 2.09 20.80 7.96
C VAL A 232 1.57 20.84 6.51
N HIS A 233 2.48 20.85 5.53
CA HIS A 233 2.12 20.91 4.09
C HIS A 233 2.47 19.60 3.38
N LEU A 234 1.58 19.16 2.51
CA LEU A 234 1.86 18.01 1.64
C LEU A 234 2.24 18.52 0.29
N LEU A 235 3.30 17.95 -0.27
CA LEU A 235 3.80 18.30 -1.61
C LEU A 235 4.07 17.00 -2.40
N PRO A 236 4.11 17.08 -3.74
CA PRO A 236 4.51 15.92 -4.52
C PRO A 236 5.89 15.41 -4.14
N MET A 237 6.05 14.10 -4.16
CA MET A 237 7.30 13.47 -3.75
C MET A 237 8.51 14.00 -4.54
N MET A 238 8.32 14.31 -5.83
CA MET A 238 9.35 14.90 -6.71
C MET A 238 9.91 16.23 -6.19
N GLN A 239 9.14 16.94 -5.36
CA GLN A 239 9.58 18.23 -4.85
C GLN A 239 10.35 18.12 -3.51
N ILE A 240 10.51 16.90 -2.96
CA ILE A 240 11.20 16.72 -1.67
C ILE A 240 12.71 16.58 -1.90
N ASN A 241 13.32 17.75 -2.17
CA ASN A 241 14.75 17.92 -2.39
C ASN A 241 15.06 19.38 -2.07
N PHE A 242 16.35 19.71 -1.96
CA PHE A 242 16.75 21.04 -1.49
C PHE A 242 16.24 22.20 -2.37
N LYS A 243 16.30 22.04 -3.69
CA LYS A 243 15.77 23.05 -4.63
C LYS A 243 14.25 23.25 -4.48
N GLY A 244 13.51 22.15 -4.54
CA GLY A 244 12.05 22.18 -4.44
C GLY A 244 11.54 22.77 -3.14
N LEU A 245 12.23 22.44 -2.07
CA LEU A 245 11.87 22.93 -0.73
C LEU A 245 12.25 24.38 -0.51
N GLN A 246 13.43 24.79 -1.02
CA GLN A 246 13.84 26.22 -1.00
C GLN A 246 12.78 27.07 -1.71
N SER A 247 12.34 26.60 -2.86
CA SER A 247 11.31 27.28 -3.63
C SER A 247 9.99 27.42 -2.87
N HIS A 248 9.51 26.32 -2.28
CA HIS A 248 8.30 26.38 -1.47
C HIS A 248 8.40 27.40 -0.31
N LEU A 249 9.54 27.46 0.35
CA LEU A 249 9.73 28.35 1.51
C LEU A 249 9.60 29.81 1.08
N LYS A 250 10.12 30.12 -0.09
CA LYS A 250 9.97 31.46 -0.68
C LYS A 250 8.49 31.81 -0.92
N LYS A 251 7.73 30.84 -1.43
CA LYS A 251 6.27 31.02 -1.64
C LYS A 251 5.44 31.28 -0.37
N CYS A 252 5.97 30.91 0.80
CA CYS A 252 5.24 31.13 2.06
C CYS A 252 5.36 32.55 2.64
N GLY A 253 6.05 33.45 1.93
CA GLY A 253 5.96 34.89 2.18
C GLY A 253 6.59 35.40 3.46
N GLY A 254 7.62 34.71 3.95
CA GLY A 254 8.25 35.07 5.21
C GLY A 254 7.50 34.63 6.46
N LYS A 255 6.51 33.75 6.30
CA LYS A 255 5.84 33.12 7.45
C LYS A 255 6.76 32.11 8.16
N TYR A 256 7.65 31.47 7.41
CA TYR A 256 8.53 30.43 7.97
C TYR A 256 9.98 30.69 7.63
N ASN A 257 10.89 30.21 8.49
CA ASN A 257 12.36 30.37 8.27
C ASN A 257 13.17 29.07 8.30
N GLN A 258 12.49 27.93 8.33
CA GLN A 258 13.11 26.60 8.42
C GLN A 258 12.10 25.57 7.87
N ILE A 259 12.60 24.54 7.18
CA ILE A 259 11.79 23.36 6.78
C ILE A 259 12.36 22.05 7.36
N LEU A 260 11.47 21.29 8.00
CA LEU A 260 11.74 19.89 8.33
C LEU A 260 10.83 19.06 7.40
N ALA A 261 11.42 18.20 6.57
CA ALA A 261 10.67 17.41 5.58
C ALA A 261 10.86 15.91 5.76
N PHE A 262 9.78 15.17 5.46
CA PHE A 262 9.79 13.70 5.52
C PHE A 262 9.47 13.08 4.15
N ARG A 263 10.31 12.12 3.73
CA ARG A 263 10.07 11.18 2.61
C ARG A 263 9.82 9.77 3.18
N PRO A 264 8.58 9.25 3.13
CA PRO A 264 8.27 7.94 3.77
C PRO A 264 8.61 6.68 2.95
N THR A 265 9.77 6.66 2.32
CA THR A 265 10.29 5.52 1.51
C THR A 265 10.01 4.10 2.08
N GLY A 266 9.90 3.11 1.20
CA GLY A 266 9.71 1.71 1.61
C GLY A 266 10.85 1.17 2.45
N TRP A 267 11.98 0.88 1.79
CA TRP A 267 13.25 0.45 2.45
C TRP A 267 14.40 1.36 2.02
N THR A 268 15.45 1.38 2.85
CA THR A 268 16.75 1.98 2.52
C THR A 268 17.86 1.17 3.23
N HIS A 269 18.98 0.90 2.53
CA HIS A 269 20.13 0.09 3.03
C HIS A 269 20.75 0.56 4.36
N SER A 270 20.39 1.76 4.82
CA SER A 270 20.57 2.15 6.24
C SER A 270 19.90 1.17 7.24
N ASN A 271 18.77 0.55 6.85
CA ASN A 271 18.10 -0.49 7.66
C ASN A 271 19.00 -1.71 7.95
N LYS A 272 19.83 -2.08 6.96
CA LYS A 272 20.76 -3.21 7.11
C LYS A 272 21.87 -2.99 8.15
N PHE A 273 22.22 -1.73 8.40
CA PHE A 273 23.20 -1.37 9.42
C PHE A 273 22.57 -0.83 10.71
N THR A 274 21.54 0.00 10.55
CA THR A 274 21.15 0.99 11.56
C THR A 274 19.76 0.72 12.17
N ARG A 275 19.52 1.31 13.36
CA ARG A 275 18.20 1.30 14.04
C ARG A 275 17.40 2.59 13.77
N ILE A 276 16.10 2.54 14.06
CA ILE A 276 15.19 3.69 13.78
C ILE A 276 15.58 4.90 14.63
N ALA A 277 15.90 4.66 15.90
CA ALA A 277 16.39 5.71 16.81
C ALA A 277 17.63 6.44 16.26
N ASP A 278 18.43 5.74 15.46
CA ASP A 278 19.69 6.27 14.89
C ASP A 278 19.60 6.93 13.50
N VAL A 279 18.39 7.14 12.96
CA VAL A 279 18.21 7.78 11.64
C VAL A 279 18.51 9.28 11.72
N ILE A 280 19.25 9.78 10.73
CA ILE A 280 19.63 11.19 10.68
C ILE A 280 19.26 11.84 9.35
N PRO A 281 18.99 13.16 9.35
CA PRO A 281 18.61 13.80 8.09
C PRO A 281 19.80 14.18 7.20
N GLN A 282 19.50 14.50 5.94
CA GLN A 282 20.36 15.29 5.08
C GLN A 282 19.99 16.75 5.31
N THR A 283 20.99 17.60 5.51
CA THR A 283 20.75 19.01 5.85
C THR A 283 21.57 19.95 4.95
N LYS A 284 20.93 21.03 4.50
CA LYS A 284 21.63 22.11 3.80
C LYS A 284 20.96 23.42 4.24
N GLY A 285 21.72 24.25 4.95
CA GLY A 285 21.24 25.51 5.42
C GLY A 285 20.12 25.27 6.41
N ASN A 286 18.97 25.89 6.15
CA ASN A 286 17.81 25.81 7.04
C ASN A 286 16.78 24.74 6.63
N ILE A 287 17.23 23.73 5.84
CA ILE A 287 16.36 22.66 5.34
C ILE A 287 16.94 21.31 5.74
N SER A 288 16.13 20.48 6.41
CA SER A 288 16.49 19.08 6.73
C SER A 288 15.47 18.09 6.13
N ILE A 289 15.99 17.02 5.52
CA ILE A 289 15.18 15.94 4.88
C ILE A 289 15.45 14.57 5.52
N TYR A 290 14.41 14.00 6.14
CA TYR A 290 14.45 12.67 6.75
C TYR A 290 13.82 11.64 5.81
N GLY A 291 14.55 10.57 5.53
CA GLY A 291 13.98 9.39 4.86
C GLY A 291 13.60 8.36 5.90
N ILE A 292 12.30 8.06 6.02
CA ILE A 292 11.81 7.14 7.08
C ILE A 292 11.24 5.85 6.45
N PRO A 293 11.56 4.67 7.06
CA PRO A 293 11.24 3.36 6.47
C PRO A 293 9.83 2.89 6.77
N TYR A 294 8.84 3.66 6.31
CA TYR A 294 7.41 3.36 6.51
C TYR A 294 6.97 2.45 5.34
N SER A 295 6.83 1.15 5.62
CA SER A 295 6.45 0.17 4.57
C SER A 295 4.99 -0.22 4.65
N GLU A 296 4.34 -0.28 3.48
CA GLU A 296 3.03 -0.92 3.37
C GLU A 296 3.10 -2.29 2.65
N HIS A 297 4.30 -2.91 2.61
CA HIS A 297 4.50 -4.29 2.16
C HIS A 297 5.14 -5.11 3.27
N SER A 298 4.91 -6.43 3.23
CA SER A 298 5.48 -7.35 4.21
C SER A 298 7.02 -7.26 4.23
N SER A 299 7.61 -7.29 5.42
CA SER A 299 9.03 -7.63 5.55
C SER A 299 9.23 -9.11 5.19
N TYR A 300 10.48 -9.54 5.01
CA TYR A 300 10.76 -10.96 4.76
C TYR A 300 10.19 -11.87 5.87
N LEU A 301 10.46 -11.52 7.12
CA LEU A 301 9.99 -12.33 8.26
C LEU A 301 8.46 -12.36 8.39
N GLU A 302 7.80 -11.24 8.11
CA GLU A 302 6.32 -11.16 8.19
C GLU A 302 5.71 -12.07 7.09
N MET A 303 6.26 -11.99 5.89
CA MET A 303 5.87 -12.85 4.75
C MET A 303 6.06 -14.35 5.07
N LYS A 304 7.25 -14.69 5.57
CA LYS A 304 7.53 -16.07 5.97
C LYS A 304 6.52 -16.63 6.99
N ARG A 305 6.21 -15.85 8.03
CA ARG A 305 5.29 -16.30 9.06
C ARG A 305 3.90 -16.55 8.46
N PHE A 306 3.42 -15.65 7.61
CA PHE A 306 2.09 -15.77 6.98
C PHE A 306 1.99 -17.05 6.14
N VAL A 307 2.99 -17.28 5.31
CA VAL A 307 3.00 -18.45 4.44
C VAL A 307 3.14 -19.76 5.22
N GLN A 308 3.97 -19.81 6.28
CA GLN A 308 4.11 -21.04 7.10
C GLN A 308 2.85 -21.31 7.91
N TRP A 309 2.07 -20.25 8.22
CA TRP A 309 0.77 -20.43 8.86
C TRP A 309 -0.29 -20.98 7.87
N LEU A 310 -0.39 -20.33 6.73
CA LEU A 310 -1.38 -20.69 5.67
C LEU A 310 -1.18 -22.11 5.06
N LYS A 311 0.08 -22.51 4.88
CA LYS A 311 0.48 -23.79 4.27
C LYS A 311 -0.23 -24.13 2.94
N PRO A 312 -0.06 -23.26 1.92
CA PRO A 312 -0.65 -23.52 0.60
C PRO A 312 0.03 -24.67 -0.13
N GLN A 313 -0.66 -25.27 -1.11
CA GLN A 313 -0.08 -26.34 -1.92
C GLN A 313 0.79 -25.80 -3.06
N LYS A 314 0.44 -24.63 -3.60
CA LYS A 314 1.18 -23.96 -4.67
C LYS A 314 1.31 -22.45 -4.34
N ILE A 315 2.48 -21.87 -4.62
CA ILE A 315 2.73 -20.43 -4.43
C ILE A 315 3.13 -19.85 -5.81
N ILE A 316 2.44 -18.79 -6.21
CA ILE A 316 2.66 -18.10 -7.47
C ILE A 316 3.05 -16.64 -7.13
N PRO A 317 4.34 -16.28 -7.29
CA PRO A 317 4.73 -14.90 -7.01
C PRO A 317 4.15 -13.93 -7.99
N THR A 318 3.82 -12.73 -7.51
CA THR A 318 3.33 -11.66 -8.40
C THR A 318 4.26 -10.43 -8.54
N VAL A 319 5.42 -10.42 -7.87
CA VAL A 319 6.40 -9.31 -7.89
C VAL A 319 7.81 -9.91 -8.02
N ASN A 320 8.68 -9.20 -8.73
CA ASN A 320 10.06 -9.66 -9.00
C ASN A 320 10.06 -10.93 -9.85
N VAL A 321 9.10 -11.03 -10.78
CA VAL A 321 9.01 -12.22 -11.65
C VAL A 321 9.77 -12.10 -12.98
N GLY A 322 10.34 -10.93 -13.25
CA GLY A 322 10.93 -10.70 -14.57
C GLY A 322 12.33 -11.23 -14.84
N THR A 323 13.04 -11.69 -13.81
CA THR A 323 14.40 -12.22 -14.00
C THR A 323 14.49 -13.67 -13.49
N TRP A 324 15.27 -14.51 -14.17
CA TRP A 324 15.49 -15.88 -13.70
C TRP A 324 16.18 -15.93 -12.32
N LYS A 325 17.11 -15.03 -12.07
CA LYS A 325 17.79 -14.98 -10.77
C LYS A 325 16.83 -14.69 -9.61
N SER A 326 15.89 -13.74 -9.79
CA SER A 326 14.88 -13.42 -8.75
C SER A 326 13.90 -14.56 -8.56
N ARG A 327 13.36 -15.09 -9.65
CA ARG A 327 12.49 -16.27 -9.59
C ARG A 327 13.17 -17.44 -8.86
N SER A 328 14.40 -17.77 -9.23
CA SER A 328 15.15 -18.88 -8.58
C SER A 328 15.37 -18.66 -7.06
N THR A 329 15.74 -17.43 -6.72
CA THR A 329 15.94 -17.01 -5.32
C THR A 329 14.65 -17.20 -4.48
N MET A 330 13.52 -16.72 -4.99
CA MET A 330 12.24 -16.82 -4.28
C MET A 330 11.81 -18.29 -4.09
N GLU A 331 11.95 -19.09 -5.14
N GLU A 331 11.95 -19.11 -5.14
CA GLU A 331 11.62 -20.53 -5.09
CA GLU A 331 11.58 -20.53 -5.05
C GLU A 331 12.42 -21.26 -4.02
C GLU A 331 12.43 -21.27 -4.02
N LYS A 332 13.71 -20.93 -3.92
CA LYS A 332 14.58 -21.49 -2.87
C LYS A 332 14.11 -21.11 -1.48
N TYR A 333 13.67 -19.87 -1.26
CA TYR A 333 13.11 -19.50 0.07
C TYR A 333 11.80 -20.25 0.39
N PHE A 334 10.93 -20.37 -0.60
CA PHE A 334 9.66 -21.10 -0.39
C PHE A 334 9.91 -22.56 0.07
N ARG A 335 10.87 -23.22 -0.58
CA ARG A 335 11.29 -24.58 -0.21
C ARG A 335 11.87 -24.64 1.20
N GLU A 336 12.72 -23.67 1.56
N GLU A 336 12.71 -23.67 1.56
CA GLU A 336 13.23 -23.60 2.93
CA GLU A 336 13.27 -23.56 2.92
C GLU A 336 12.07 -23.52 3.92
C GLU A 336 12.16 -23.42 3.97
N TRP A 337 11.13 -22.60 3.66
CA TRP A 337 10.00 -22.40 4.58
C TRP A 337 9.19 -23.68 4.78
N LYS A 338 8.99 -24.41 3.68
CA LYS A 338 8.25 -25.66 3.70
C LYS A 338 8.96 -26.73 4.54
N LEU A 339 10.27 -26.88 4.34
N LEU A 339 10.27 -26.87 4.34
CA LEU A 339 11.06 -27.88 5.08
CA LEU A 339 11.05 -27.88 5.06
C LEU A 339 11.15 -27.59 6.59
C LEU A 339 11.16 -27.55 6.57
N GLU A 340 11.20 -26.32 6.96
N GLU A 340 11.36 -26.27 6.89
CA GLU A 340 11.21 -25.92 8.37
CA GLU A 340 11.43 -25.85 8.29
C GLU A 340 9.86 -26.18 9.04
C GLU A 340 10.09 -26.13 9.02
N ALA A 341 8.77 -25.89 8.32
N ALA A 341 8.96 -26.01 8.31
CA ALA A 341 7.42 -25.95 8.87
CA ALA A 341 7.65 -26.32 8.89
C ALA A 341 6.65 -27.25 8.59
C ALA A 341 7.33 -27.84 8.99
N GLY A 342 7.35 -28.28 8.09
N GLY A 342 8.17 -28.71 8.43
CA GLY A 342 6.80 -29.64 8.02
CA GLY A 342 8.00 -30.16 8.53
C GLY A 342 5.71 -29.96 7.00
C GLY A 342 7.44 -30.90 7.32
N TYR A 343 5.33 -28.99 6.16
N TYR A 343 7.29 -30.23 6.18
CA TYR A 343 4.31 -29.22 5.12
CA TYR A 343 6.74 -30.86 4.96
C TYR A 343 5.00 -29.52 3.79
C TYR A 343 7.81 -31.13 3.90
C1 MLI B . 3.07 0.48 -5.55
C2 MLI B . 3.40 -0.18 -4.22
C3 MLI B . 2.26 -0.39 -6.48
O6 MLI B . 4.55 -0.29 -3.82
O7 MLI B . 2.45 -0.56 -3.52
O8 MLI B . 2.70 -0.53 -7.64
O9 MLI B . 1.17 -0.86 -6.09
NI NI C . 0.44 -1.05 -4.19
N1 B1A D . 6.32 -24.05 -4.20
C4 B1A D . 4.47 -24.30 -2.72
C5 B1A D . 3.90 -24.40 -1.47
C6 B1A D . 4.67 -24.32 -0.33
C7 B1A D . 6.05 -24.16 -0.46
C8 B1A D . 6.64 -24.08 -1.71
C10 B1A D . 5.11 -23.39 2.76
C13 B1A D . 3.98 -25.29 4.43
C1 B1A D . 6.53 -22.43 -5.96
C2 B1A D . 5.70 -23.46 -5.27
O1 B1A D . 4.54 -23.71 -5.65
C3 B1A D . 5.84 -24.16 -2.86
N2 B1A D . 3.94 -24.40 0.87
C9 B1A D . 4.27 -24.37 2.23
C11 B1A D . 5.39 -23.37 4.11
C12 B1A D . 4.83 -24.32 4.95
C14 B1A D . 3.68 -25.30 3.08
#